data_9B53
#
_entry.id   9B53
#
_cell.length_a   1.00
_cell.length_b   1.00
_cell.length_c   1.00
_cell.angle_alpha   90.00
_cell.angle_beta   90.00
_cell.angle_gamma   90.00
#
_symmetry.space_group_name_H-M   'P 1'
#
_entity_poly.entity_id   1
_entity_poly.type   'polypeptide(L)'
_entity_poly.pdbx_seq_one_letter_code
;GVGNASGNWHCDSTWLGDRVITTSTRTWALPTYNNHLYKQISSQSGATNDNHFFGYSTPWGYFDFNRFHCHFSPRDWQRL
INNNWGFRPRKLRFKLFNIQVKEVTTNDGVTTIANNLTSTIQVFSDSEYQLPYVLGSAHQGCLPPFPADVFMIPQYGYLT
LNNGSQSVGRSSFYCLEYFPSQMLRTGNNFEFSYTFEEVPFHSSYAHSQSLDRLMNPLIDQYLYYLARTQSTTGSTRELQ
FHQAGPNTMAEQSKNWLPGPCYRQQRLSKNIDSNNNSNFAWTGATKYHLNGRNSLTNPGVAMATNKDDEDQFFPINGVLV
FGKTGAANKTTLENVLMTSEEEIKTTNPVATEEYGVVSSNLQSSTAGPQTQTVNSQGALPGMVWQNRDVYLQGPIWAKIP
HTDGNFHPSPLMGGFGLKHPPPQILIKNTPVPANPPEVFTPAKFASFITQYSTGQVSVEIEWELQKENSKRWNPEIQYTS
NYAKSNNVEFAVNNEGVYTEPRPIGTRYLTRNL
;
_entity_poly.pdbx_strand_id   A
#
# COMPACT_ATOMS: atom_id res chain seq x y z
N GLY A 1 -20.38 -25.68 -21.88
CA GLY A 1 -19.84 -26.86 -22.52
C GLY A 1 -18.36 -26.74 -22.83
N VAL A 2 -17.78 -27.81 -23.36
CA VAL A 2 -16.35 -27.79 -23.70
C VAL A 2 -16.09 -26.75 -24.79
N GLY A 3 -16.93 -26.71 -25.81
CA GLY A 3 -16.78 -25.80 -26.92
C GLY A 3 -17.48 -24.47 -26.76
N ASN A 4 -18.02 -24.18 -25.59
CA ASN A 4 -18.72 -22.92 -25.34
C ASN A 4 -17.93 -22.10 -24.34
N ALA A 5 -17.65 -20.84 -24.71
CA ALA A 5 -16.98 -19.93 -23.79
C ALA A 5 -17.91 -19.57 -22.65
N SER A 6 -17.35 -19.51 -21.44
CA SER A 6 -18.11 -19.19 -20.24
C SER A 6 -18.00 -17.73 -19.84
N GLY A 7 -17.38 -16.91 -20.67
CA GLY A 7 -17.26 -15.49 -20.36
C GLY A 7 -16.55 -14.78 -21.50
N ASN A 8 -16.57 -13.45 -21.42
CA ASN A 8 -16.00 -12.60 -22.44
C ASN A 8 -14.99 -11.64 -21.84
N TRP A 9 -14.15 -11.07 -22.71
CA TRP A 9 -13.10 -10.16 -22.28
C TRP A 9 -13.67 -8.76 -22.11
N HIS A 10 -13.66 -8.26 -20.88
CA HIS A 10 -14.18 -6.94 -20.56
C HIS A 10 -13.04 -6.10 -19.98
N CYS A 11 -12.54 -5.16 -20.76
CA CYS A 11 -11.50 -4.23 -20.31
C CYS A 11 -11.95 -2.83 -20.75
N ASP A 12 -12.50 -2.07 -19.79
CA ASP A 12 -13.13 -0.80 -20.09
C ASP A 12 -13.02 0.12 -18.88
N SER A 13 -13.24 1.40 -19.11
CA SER A 13 -13.28 2.38 -18.04
C SER A 13 -14.33 3.42 -18.43
N THR A 14 -15.55 3.26 -17.89
CA THR A 14 -16.67 4.12 -18.25
C THR A 14 -16.84 5.20 -17.19
N TRP A 15 -16.85 6.45 -17.62
CA TRP A 15 -17.01 7.60 -16.75
C TRP A 15 -18.43 8.13 -16.90
N LEU A 16 -19.08 8.42 -15.77
CA LEU A 16 -20.49 8.82 -15.77
C LEU A 16 -20.75 10.05 -14.93
N GLY A 17 -19.73 10.69 -14.37
CA GLY A 17 -19.93 11.78 -13.45
C GLY A 17 -20.21 11.25 -12.06
N ASP A 18 -19.48 11.75 -11.06
CA ASP A 18 -19.59 11.27 -9.67
C ASP A 18 -19.48 9.75 -9.60
N ARG A 19 -18.93 9.11 -10.64
CA ARG A 19 -18.90 7.66 -10.73
C ARG A 19 -18.01 7.27 -11.90
N VAL A 20 -17.14 6.27 -11.67
CA VAL A 20 -16.37 5.66 -12.74
C VAL A 20 -16.32 4.16 -12.49
N ILE A 21 -16.60 3.37 -13.52
CA ILE A 21 -16.56 1.92 -13.43
C ILE A 21 -15.39 1.43 -14.26
N THR A 22 -14.45 0.74 -13.62
CA THR A 22 -13.28 0.18 -14.28
C THR A 22 -13.38 -1.33 -14.25
N THR A 23 -13.35 -1.94 -15.44
CA THR A 23 -13.35 -3.39 -15.56
C THR A 23 -12.05 -3.80 -16.21
N SER A 24 -11.34 -4.74 -15.59
CA SER A 24 -10.05 -5.23 -16.08
C SER A 24 -10.11 -6.75 -16.20
N THR A 25 -9.69 -7.26 -17.36
CA THR A 25 -9.65 -8.69 -17.62
C THR A 25 -8.20 -9.10 -17.86
N ARG A 26 -7.77 -10.17 -17.20
CA ARG A 26 -6.42 -10.69 -17.33
C ARG A 26 -6.45 -12.19 -17.52
N THR A 27 -5.46 -12.71 -18.23
CA THR A 27 -5.26 -14.15 -18.36
C THR A 27 -4.33 -14.61 -17.25
N TRP A 28 -4.73 -15.66 -16.54
CA TRP A 28 -4.01 -16.15 -15.37
C TRP A 28 -3.65 -17.61 -15.55
N ALA A 29 -2.57 -18.00 -14.89
CA ALA A 29 -2.12 -19.39 -14.82
C ALA A 29 -1.93 -19.79 -13.38
N LEU A 30 -2.11 -21.08 -13.11
CA LEU A 30 -2.03 -21.62 -11.76
C LEU A 30 -1.30 -22.96 -11.77
N PRO A 31 -0.13 -23.05 -11.14
CA PRO A 31 0.51 -24.36 -10.98
C PRO A 31 -0.05 -25.11 -9.78
N THR A 32 0.41 -26.34 -9.62
CA THR A 32 0.16 -27.09 -8.40
C THR A 32 1.22 -26.72 -7.37
N TYR A 33 0.78 -26.24 -6.21
CA TYR A 33 1.68 -25.77 -5.17
C TYR A 33 1.85 -26.82 -4.09
N ASN A 34 3.10 -27.03 -3.68
CA ASN A 34 3.44 -27.93 -2.57
C ASN A 34 3.06 -29.37 -2.86
N ASN A 35 2.87 -29.73 -4.13
CA ASN A 35 2.45 -31.08 -4.51
C ASN A 35 1.16 -31.46 -3.78
N HIS A 36 0.24 -30.51 -3.68
CA HIS A 36 -1.05 -30.68 -3.01
C HIS A 36 -0.90 -30.94 -1.51
N LEU A 37 0.16 -30.43 -0.89
CA LEU A 37 0.43 -30.66 0.51
C LEU A 37 0.44 -29.36 1.29
N TYR A 38 0.09 -29.46 2.57
CA TYR A 38 0.27 -28.37 3.52
C TYR A 38 1.61 -28.55 4.21
N LYS A 39 2.47 -27.53 4.15
CA LYS A 39 3.81 -27.63 4.71
C LYS A 39 3.99 -26.59 5.82
N GLN A 40 4.46 -27.05 6.96
CA GLN A 40 4.84 -26.14 8.05
C GLN A 40 6.15 -25.46 7.70
N ILE A 41 6.19 -24.14 7.84
CA ILE A 41 7.34 -23.33 7.46
C ILE A 41 7.77 -22.50 8.67
N SER A 42 9.07 -22.33 8.80
CA SER A 42 9.62 -21.57 9.92
C SER A 42 10.92 -20.92 9.49
N SER A 43 11.32 -19.89 10.23
CA SER A 43 12.61 -19.26 10.01
C SER A 43 13.74 -20.23 10.31
N GLN A 44 14.85 -20.07 9.60
CA GLN A 44 15.99 -20.94 9.82
C GLN A 44 16.63 -20.66 11.18
N SER A 45 17.46 -21.61 11.62
CA SER A 45 18.09 -21.48 12.93
C SER A 45 18.99 -20.25 12.99
N GLY A 46 19.69 -19.95 11.91
CA GLY A 46 20.60 -18.81 11.88
C GLY A 46 19.95 -17.47 11.68
N ALA A 47 18.64 -17.43 11.50
CA ALA A 47 17.94 -16.16 11.33
C ALA A 47 17.99 -15.36 12.62
N THR A 48 17.98 -14.03 12.47
CA THR A 48 18.00 -13.15 13.63
C THR A 48 16.68 -13.23 14.38
N ASN A 49 16.73 -12.79 15.65
CA ASN A 49 15.53 -12.82 16.47
C ASN A 49 14.41 -11.97 15.86
N ASP A 50 14.77 -10.93 15.10
CA ASP A 50 13.78 -10.04 14.51
C ASP A 50 13.07 -10.67 13.32
N ASN A 51 13.62 -11.73 12.74
CA ASN A 51 13.05 -12.36 11.55
C ASN A 51 12.52 -13.76 11.82
N HIS A 52 12.27 -14.10 13.07
CA HIS A 52 11.71 -15.40 13.40
C HIS A 52 10.23 -15.45 13.01
N PHE A 53 9.79 -16.61 12.54
CA PHE A 53 8.39 -16.78 12.18
C PHE A 53 8.03 -18.25 12.16
N PHE A 54 6.73 -18.51 12.29
CA PHE A 54 6.17 -19.86 12.18
C PHE A 54 4.85 -19.74 11.45
N GLY A 55 4.62 -20.62 10.49
CA GLY A 55 3.40 -20.57 9.72
C GLY A 55 3.25 -21.78 8.82
N TYR A 56 2.36 -21.64 7.85
CA TYR A 56 2.02 -22.73 6.95
C TYR A 56 1.90 -22.23 5.53
N SER A 57 2.48 -22.98 4.60
CA SER A 57 2.29 -22.78 3.16
C SER A 57 1.33 -23.86 2.67
N THR A 58 0.25 -23.43 2.03
CA THR A 58 -0.80 -24.29 1.55
C THR A 58 -0.65 -24.56 0.06
N PRO A 59 -1.36 -25.55 -0.47
CA PRO A 59 -1.36 -25.79 -1.92
C PRO A 59 -2.27 -24.86 -2.71
N TRP A 60 -2.86 -23.85 -2.07
CA TRP A 60 -3.78 -22.96 -2.73
C TRP A 60 -3.07 -21.73 -3.26
N GLY A 61 -3.64 -21.15 -4.32
CA GLY A 61 -3.30 -19.81 -4.75
C GLY A 61 -4.43 -18.84 -4.44
N TYR A 62 -4.12 -17.56 -4.50
CA TYR A 62 -5.09 -16.53 -4.24
C TYR A 62 -4.98 -15.44 -5.29
N PHE A 63 -6.09 -14.74 -5.52
CA PHE A 63 -6.14 -13.64 -6.48
C PHE A 63 -5.93 -12.33 -5.74
N ASP A 64 -5.02 -11.50 -6.27
CA ASP A 64 -4.71 -10.21 -5.68
C ASP A 64 -4.82 -9.14 -6.75
N PHE A 65 -5.76 -8.23 -6.56
CA PHE A 65 -5.90 -7.05 -7.40
C PHE A 65 -5.86 -5.79 -6.55
N ASN A 66 -5.11 -5.83 -5.46
CA ASN A 66 -5.01 -4.71 -4.52
C ASN A 66 -3.92 -3.73 -4.92
N ARG A 67 -3.98 -3.28 -6.17
CA ARG A 67 -3.08 -2.24 -6.67
C ARG A 67 -3.83 -1.44 -7.71
N PHE A 68 -3.63 -0.12 -7.69
CA PHE A 68 -4.42 0.76 -8.54
C PHE A 68 -4.16 0.53 -10.02
N HIS A 69 -2.93 0.13 -10.38
CA HIS A 69 -2.63 -0.14 -11.77
C HIS A 69 -3.30 -1.43 -12.26
N CYS A 70 -3.91 -2.22 -11.38
CA CYS A 70 -4.67 -3.38 -11.81
C CYS A 70 -5.95 -2.96 -12.53
N HIS A 71 -6.53 -1.83 -12.15
CA HIS A 71 -7.82 -1.39 -12.68
C HIS A 71 -7.76 -0.07 -13.44
N PHE A 72 -6.82 0.80 -13.12
CA PHE A 72 -6.69 2.09 -13.79
C PHE A 72 -5.52 2.05 -14.76
N SER A 73 -5.77 2.44 -16.00
CA SER A 73 -4.70 2.68 -16.94
C SER A 73 -4.11 4.06 -16.68
N PRO A 74 -2.88 4.32 -17.14
CA PRO A 74 -2.28 5.64 -16.89
C PRO A 74 -3.15 6.78 -17.35
N ARG A 75 -3.82 6.64 -18.49
CA ARG A 75 -4.75 7.68 -18.94
C ARG A 75 -5.94 7.80 -17.98
N ASP A 76 -6.48 6.67 -17.53
CA ASP A 76 -7.59 6.71 -16.59
C ASP A 76 -7.16 7.33 -15.26
N TRP A 77 -5.97 6.97 -14.78
CA TRP A 77 -5.45 7.56 -13.56
C TRP A 77 -5.28 9.06 -13.72
N GLN A 78 -4.76 9.50 -14.87
CA GLN A 78 -4.63 10.93 -15.13
C GLN A 78 -5.99 11.62 -15.11
N ARG A 79 -7.00 11.00 -15.74
CA ARG A 79 -8.35 11.56 -15.68
C ARG A 79 -8.80 11.70 -14.23
N LEU A 80 -8.56 10.68 -13.41
CA LEU A 80 -9.03 10.71 -12.03
C LEU A 80 -8.35 11.82 -11.23
N ILE A 81 -7.02 11.91 -11.32
CA ILE A 81 -6.29 12.79 -10.41
C ILE A 81 -6.36 14.25 -10.85
N ASN A 82 -6.49 14.51 -12.15
CA ASN A 82 -6.48 15.88 -12.64
C ASN A 82 -7.84 16.56 -12.56
N ASN A 83 -8.90 15.82 -12.21
CA ASN A 83 -10.25 16.36 -12.30
C ASN A 83 -11.11 16.10 -11.08
N ASN A 84 -10.60 15.42 -10.05
CA ASN A 84 -11.40 15.05 -8.90
C ASN A 84 -10.67 15.40 -7.62
N TRP A 85 -11.41 15.86 -6.61
CA TRP A 85 -10.85 16.14 -5.30
C TRP A 85 -10.82 14.92 -4.39
N GLY A 86 -11.42 13.81 -4.81
CA GLY A 86 -11.41 12.60 -4.00
C GLY A 86 -12.14 11.50 -4.72
N PHE A 87 -11.97 10.29 -4.19
CA PHE A 87 -12.59 9.10 -4.76
C PHE A 87 -12.54 7.98 -3.73
N ARG A 88 -13.42 7.01 -3.91
CA ARG A 88 -13.49 5.86 -3.01
C ARG A 88 -14.10 4.69 -3.78
N PRO A 89 -13.83 3.46 -3.36
CA PRO A 89 -14.44 2.30 -4.02
C PRO A 89 -15.83 2.02 -3.48
N ARG A 90 -16.75 1.73 -4.39
CA ARG A 90 -18.14 1.48 -4.04
C ARG A 90 -18.56 0.03 -4.23
N LYS A 91 -18.35 -0.53 -5.42
CA LYS A 91 -18.83 -1.88 -5.72
C LYS A 91 -17.73 -2.70 -6.37
N LEU A 92 -17.83 -4.02 -6.21
CA LEU A 92 -16.84 -4.95 -6.75
C LEU A 92 -17.56 -6.16 -7.32
N ARG A 93 -17.11 -6.61 -8.48
CA ARG A 93 -17.63 -7.81 -9.13
C ARG A 93 -16.47 -8.63 -9.66
N PHE A 94 -16.39 -9.89 -9.25
CA PHE A 94 -15.30 -10.78 -9.60
C PHE A 94 -15.82 -11.94 -10.42
N LYS A 95 -15.16 -12.23 -11.53
CA LYS A 95 -15.55 -13.30 -12.44
C LYS A 95 -14.32 -14.11 -12.84
N LEU A 96 -14.50 -15.43 -12.91
CA LEU A 96 -13.48 -16.38 -13.32
C LEU A 96 -14.09 -17.28 -14.39
N PHE A 97 -13.51 -17.30 -15.58
CA PHE A 97 -14.13 -17.99 -16.70
C PHE A 97 -13.06 -18.56 -17.62
N ASN A 98 -13.53 -19.33 -18.61
CA ASN A 98 -12.66 -19.91 -19.64
C ASN A 98 -11.51 -20.69 -19.03
N ILE A 99 -11.86 -21.59 -18.11
CA ILE A 99 -10.85 -22.36 -17.37
C ILE A 99 -10.43 -23.56 -18.20
N GLN A 100 -9.12 -23.76 -18.30
CA GLN A 100 -8.53 -24.90 -19.00
C GLN A 100 -7.56 -25.58 -18.04
N VAL A 101 -7.83 -26.83 -17.70
CA VAL A 101 -6.92 -27.64 -16.90
C VAL A 101 -6.10 -28.51 -17.84
N LYS A 102 -4.78 -28.48 -17.67
CA LYS A 102 -3.86 -29.12 -18.60
C LYS A 102 -2.90 -30.04 -17.86
N GLU A 103 -2.73 -31.24 -18.40
CA GLU A 103 -1.80 -32.24 -17.90
C GLU A 103 -0.44 -32.05 -18.55
N VAL A 104 0.61 -32.27 -17.77
CA VAL A 104 2.00 -32.20 -18.24
C VAL A 104 2.65 -33.55 -17.98
N THR A 105 3.24 -34.15 -19.01
CA THR A 105 3.84 -35.46 -18.89
C THR A 105 5.32 -35.41 -18.54
N THR A 106 6.05 -34.44 -19.10
CA THR A 106 7.47 -34.21 -18.80
C THR A 106 8.23 -35.53 -18.70
N ASN A 107 8.25 -36.26 -19.81
CA ASN A 107 8.89 -37.56 -19.90
C ASN A 107 10.05 -37.52 -20.88
N ASP A 108 11.20 -38.07 -20.47
CA ASP A 108 12.36 -38.22 -21.33
C ASP A 108 12.96 -36.89 -21.75
N GLY A 109 12.78 -35.85 -20.92
CA GLY A 109 13.35 -34.55 -21.19
C GLY A 109 12.51 -33.65 -22.07
N VAL A 110 11.42 -34.16 -22.63
CA VAL A 110 10.51 -33.38 -23.47
C VAL A 110 9.15 -33.37 -22.79
N THR A 111 8.61 -32.18 -22.58
CA THR A 111 7.32 -32.01 -21.91
C THR A 111 6.22 -31.86 -22.93
N THR A 112 5.17 -32.67 -22.79
CA THR A 112 4.00 -32.62 -23.66
C THR A 112 2.80 -32.20 -22.83
N ILE A 113 2.08 -31.19 -23.29
CA ILE A 113 0.93 -30.65 -22.60
C ILE A 113 -0.33 -31.16 -23.29
N ALA A 114 -1.29 -31.63 -22.52
CA ALA A 114 -2.54 -32.16 -23.04
C ALA A 114 -3.72 -31.58 -22.28
N ASN A 115 -4.87 -31.58 -22.92
CA ASN A 115 -6.09 -31.07 -22.29
C ASN A 115 -6.68 -32.14 -21.38
N ASN A 116 -7.03 -31.73 -20.16
CA ASN A 116 -7.71 -32.60 -19.19
C ASN A 116 -9.11 -32.03 -19.00
N LEU A 117 -10.08 -32.60 -19.74
CA LEU A 117 -11.41 -32.02 -19.81
C LEU A 117 -12.27 -32.38 -18.60
N THR A 118 -11.83 -33.28 -17.73
CA THR A 118 -12.62 -33.69 -16.58
C THR A 118 -12.06 -33.21 -15.25
N SER A 119 -10.81 -32.75 -15.20
CA SER A 119 -10.27 -32.22 -13.96
C SER A 119 -10.94 -30.90 -13.61
N THR A 120 -11.03 -30.62 -12.32
CA THR A 120 -11.71 -29.43 -11.81
C THR A 120 -10.72 -28.52 -11.12
N ILE A 121 -11.19 -27.32 -10.79
CA ILE A 121 -10.47 -26.38 -9.94
C ILE A 121 -11.40 -25.96 -8.81
N GLN A 122 -10.85 -25.86 -7.61
CA GLN A 122 -11.60 -25.42 -6.44
C GLN A 122 -11.40 -23.92 -6.24
N VAL A 123 -12.50 -23.19 -6.13
CA VAL A 123 -12.47 -21.75 -5.94
C VAL A 123 -13.44 -21.39 -4.83
N PHE A 124 -13.00 -20.50 -3.94
CA PHE A 124 -13.92 -20.01 -2.92
C PHE A 124 -13.42 -18.68 -2.37
N SER A 125 -14.36 -17.82 -2.00
CA SER A 125 -14.06 -16.54 -1.39
C SER A 125 -14.34 -16.61 0.10
N ASP A 126 -13.40 -16.11 0.90
CA ASP A 126 -13.54 -16.08 2.35
C ASP A 126 -14.37 -14.86 2.75
N SER A 127 -15.66 -14.93 2.44
CA SER A 127 -16.56 -13.81 2.70
C SER A 127 -16.73 -13.56 4.19
N GLU A 128 -16.52 -14.56 5.03
CA GLU A 128 -16.65 -14.42 6.47
C GLU A 128 -15.32 -14.08 7.15
N TYR A 129 -14.25 -13.92 6.37
CA TYR A 129 -12.95 -13.51 6.90
C TYR A 129 -12.46 -14.46 7.99
N GLN A 130 -12.62 -15.76 7.74
CA GLN A 130 -12.19 -16.79 8.67
C GLN A 130 -10.79 -17.29 8.38
N LEU A 131 -10.10 -16.70 7.41
CA LEU A 131 -8.73 -17.04 7.08
C LEU A 131 -7.83 -15.84 7.36
N PRO A 132 -6.54 -16.07 7.65
CA PRO A 132 -5.62 -14.93 7.76
C PRO A 132 -5.61 -14.12 6.48
N TYR A 133 -5.64 -12.80 6.62
CA TYR A 133 -5.70 -11.89 5.49
C TYR A 133 -4.29 -11.49 5.09
N VAL A 134 -3.94 -11.71 3.83
CA VAL A 134 -2.61 -11.40 3.33
C VAL A 134 -2.61 -10.36 2.22
N LEU A 135 -3.79 -9.91 1.76
CA LEU A 135 -3.83 -8.89 0.72
C LEU A 135 -3.70 -7.50 1.32
N GLY A 136 -2.70 -7.31 2.18
CA GLY A 136 -2.47 -6.01 2.76
C GLY A 136 -1.00 -5.74 3.05
N SER A 137 -0.11 -6.54 2.46
CA SER A 137 1.31 -6.48 2.78
C SER A 137 2.17 -6.19 1.56
N ALA A 138 1.61 -5.54 0.54
CA ALA A 138 2.37 -5.13 -0.63
C ALA A 138 3.16 -6.29 -1.22
N HIS A 139 2.50 -7.42 -1.38
CA HIS A 139 3.13 -8.61 -1.94
C HIS A 139 3.04 -8.61 -3.46
N GLN A 140 3.95 -9.34 -4.09
CA GLN A 140 3.95 -9.50 -5.53
C GLN A 140 2.91 -10.54 -5.95
N GLY A 141 2.70 -10.64 -7.26
CA GLY A 141 1.78 -11.58 -7.82
C GLY A 141 0.38 -11.07 -8.07
N CYS A 142 0.22 -9.76 -8.26
CA CYS A 142 -1.08 -9.17 -8.52
C CYS A 142 -1.40 -9.24 -10.01
N LEU A 143 -2.48 -8.60 -10.42
CA LEU A 143 -2.80 -8.51 -11.84
C LEU A 143 -1.78 -7.59 -12.53
N PRO A 144 -1.26 -7.99 -13.69
CA PRO A 144 -0.30 -7.13 -14.37
C PRO A 144 -0.93 -5.79 -14.72
N PRO A 145 -0.16 -4.70 -14.66
CA PRO A 145 -0.73 -3.41 -15.10
C PRO A 145 -1.17 -3.43 -16.55
N PHE A 146 -0.43 -4.12 -17.41
CA PHE A 146 -0.76 -4.18 -18.83
C PHE A 146 -1.75 -5.30 -19.08
N PRO A 147 -2.94 -5.02 -19.66
CA PRO A 147 -3.93 -6.09 -19.81
C PRO A 147 -3.44 -7.27 -20.65
N ALA A 148 -2.50 -7.05 -21.56
CA ALA A 148 -2.05 -8.11 -22.45
C ALA A 148 -1.12 -9.11 -21.76
N ASP A 149 -0.66 -8.83 -20.55
CA ASP A 149 0.31 -9.68 -19.88
C ASP A 149 -0.40 -10.77 -19.07
N VAL A 150 0.13 -11.98 -19.16
CA VAL A 150 -0.35 -13.13 -18.40
C VAL A 150 0.50 -13.26 -17.14
N PHE A 151 -0.14 -13.59 -16.02
CA PHE A 151 0.53 -13.64 -14.73
C PHE A 151 0.34 -15.01 -14.07
N MET A 152 1.25 -15.30 -13.16
CA MET A 152 1.23 -16.53 -12.38
C MET A 152 0.60 -16.25 -11.03
N ILE A 153 -0.41 -17.04 -10.67
CA ILE A 153 -1.13 -16.82 -9.41
C ILE A 153 -0.19 -17.11 -8.24
N PRO A 154 -0.09 -16.23 -7.25
CA PRO A 154 0.81 -16.49 -6.12
C PRO A 154 0.29 -17.59 -5.22
N GLN A 155 1.22 -18.21 -4.49
CA GLN A 155 0.88 -19.26 -3.55
C GLN A 155 0.42 -18.66 -2.23
N TYR A 156 -0.70 -19.15 -1.72
CA TYR A 156 -1.22 -18.67 -0.45
C TYR A 156 -0.46 -19.29 0.71
N GLY A 157 -0.24 -18.49 1.75
CA GLY A 157 0.40 -18.95 2.96
C GLY A 157 0.14 -17.95 4.06
N TYR A 158 0.36 -18.39 5.30
CA TYR A 158 0.06 -17.52 6.43
C TYR A 158 1.02 -17.81 7.58
N LEU A 159 1.08 -16.87 8.51
CA LEU A 159 1.90 -16.97 9.70
C LEU A 159 1.00 -16.95 10.93
N THR A 160 1.43 -17.65 11.97
CA THR A 160 0.71 -17.71 13.23
C THR A 160 1.68 -17.40 14.37
N LEU A 161 1.16 -17.43 15.60
CA LEU A 161 1.97 -17.10 16.75
C LEU A 161 3.18 -18.02 16.84
N ASN A 162 4.35 -17.45 17.09
CA ASN A 162 5.59 -18.19 17.17
C ASN A 162 6.39 -17.73 18.38
N ASN A 163 7.21 -18.65 18.89
CA ASN A 163 8.19 -18.36 19.93
C ASN A 163 9.55 -18.73 19.35
N GLY A 164 10.25 -17.75 18.79
CA GLY A 164 11.41 -18.06 17.97
C GLY A 164 10.97 -18.78 16.72
N SER A 165 11.60 -19.91 16.43
CA SER A 165 11.18 -20.74 15.31
C SER A 165 10.10 -21.75 15.69
N GLN A 166 9.75 -21.82 16.96
CA GLN A 166 8.75 -22.77 17.43
C GLN A 166 7.36 -22.13 17.46
N SER A 167 6.35 -22.97 17.65
CA SER A 167 4.98 -22.55 17.80
C SER A 167 4.52 -22.77 19.23
N VAL A 168 3.52 -21.99 19.63
CA VAL A 168 2.92 -22.11 20.95
C VAL A 168 1.53 -22.74 20.80
N GLY A 169 0.94 -23.13 21.92
CA GLY A 169 -0.37 -23.76 21.88
C GLY A 169 -1.42 -22.86 21.24
N ARG A 170 -1.28 -21.55 21.42
CA ARG A 170 -2.21 -20.59 20.83
C ARG A 170 -2.12 -20.55 19.31
N SER A 171 -1.09 -21.15 18.72
CA SER A 171 -0.94 -21.12 17.26
C SER A 171 -2.08 -21.87 16.59
N SER A 172 -2.54 -21.34 15.46
CA SER A 172 -3.70 -21.87 14.75
C SER A 172 -3.28 -22.43 13.41
N PHE A 173 -3.84 -23.60 13.06
CA PHE A 173 -3.65 -24.22 11.77
C PHE A 173 -4.96 -24.19 11.00
N TYR A 174 -4.88 -23.83 9.72
CA TYR A 174 -6.06 -23.70 8.87
C TYR A 174 -5.90 -24.60 7.66
N CYS A 175 -6.91 -25.44 7.42
CA CYS A 175 -7.00 -26.25 6.21
C CYS A 175 -8.06 -25.64 5.31
N LEU A 176 -7.65 -25.15 4.14
CA LEU A 176 -8.58 -24.48 3.26
C LEU A 176 -9.61 -25.42 2.66
N GLU A 177 -9.29 -26.71 2.50
CA GLU A 177 -10.28 -27.69 2.08
C GLU A 177 -11.42 -27.82 3.07
N TYR A 178 -11.23 -27.40 4.32
CA TYR A 178 -12.29 -27.43 5.32
C TYR A 178 -13.40 -26.42 5.02
N PHE A 179 -13.15 -25.43 4.16
CA PHE A 179 -14.17 -24.48 3.75
C PHE A 179 -15.00 -25.05 2.61
N PRO A 180 -16.26 -24.63 2.48
CA PRO A 180 -17.00 -24.96 1.26
C PRO A 180 -16.32 -24.34 0.04
N SER A 181 -16.31 -25.09 -1.06
CA SER A 181 -15.62 -24.66 -2.26
C SER A 181 -16.46 -25.00 -3.48
N GLN A 182 -16.34 -24.18 -4.51
CA GLN A 182 -17.02 -24.41 -5.78
C GLN A 182 -16.05 -25.07 -6.75
N MET A 183 -16.47 -26.17 -7.36
CA MET A 183 -15.63 -26.95 -8.25
C MET A 183 -16.02 -26.66 -9.69
N LEU A 184 -15.02 -26.28 -10.49
CA LEU A 184 -15.25 -25.79 -11.85
C LEU A 184 -14.53 -26.68 -12.85
N ARG A 185 -15.27 -27.20 -13.83
CA ARG A 185 -14.69 -27.84 -14.99
C ARG A 185 -14.47 -26.79 -16.08
N THR A 186 -14.02 -27.24 -17.25
CA THR A 186 -13.68 -26.31 -18.32
C THR A 186 -14.88 -25.49 -18.76
N GLY A 187 -16.09 -26.00 -18.53
CA GLY A 187 -17.29 -25.32 -18.97
C GLY A 187 -17.92 -24.41 -17.91
N ASN A 188 -17.45 -24.52 -16.67
CA ASN A 188 -18.06 -23.77 -15.58
C ASN A 188 -17.33 -22.45 -15.36
N ASN A 189 -18.03 -21.50 -14.74
CA ASN A 189 -17.46 -20.22 -14.36
C ASN A 189 -17.86 -19.89 -12.92
N PHE A 190 -17.10 -18.99 -12.31
CA PHE A 190 -17.31 -18.55 -10.93
C PHE A 190 -17.56 -17.06 -10.92
N GLU A 191 -18.52 -16.63 -10.11
CA GLU A 191 -18.86 -15.22 -10.03
C GLU A 191 -19.24 -14.85 -8.60
N PHE A 192 -18.87 -13.65 -8.18
CA PHE A 192 -19.37 -13.15 -6.91
C PHE A 192 -19.27 -11.62 -6.89
N SER A 193 -20.02 -11.04 -5.96
CA SER A 193 -20.14 -9.59 -5.84
C SER A 193 -19.84 -9.16 -4.42
N TYR A 194 -19.45 -7.90 -4.27
CA TYR A 194 -19.05 -7.36 -2.98
C TYR A 194 -19.35 -5.88 -2.96
N THR A 195 -19.74 -5.38 -1.79
CA THR A 195 -20.01 -3.96 -1.59
C THR A 195 -19.05 -3.42 -0.54
N PHE A 196 -18.33 -2.37 -0.90
CA PHE A 196 -17.44 -1.71 0.05
C PHE A 196 -18.26 -1.00 1.12
N GLU A 197 -17.68 -0.90 2.31
CA GLU A 197 -18.28 -0.13 3.38
C GLU A 197 -18.07 1.36 3.15
N GLU A 198 -18.94 2.16 3.76
CA GLU A 198 -18.78 3.61 3.67
C GLU A 198 -17.42 4.01 4.22
N VAL A 199 -16.54 4.50 3.35
CA VAL A 199 -15.18 4.84 3.73
C VAL A 199 -14.93 6.28 3.28
N PRO A 200 -14.11 7.05 3.99
CA PRO A 200 -13.87 8.44 3.58
C PRO A 200 -13.25 8.52 2.19
N PHE A 201 -13.61 9.57 1.47
CA PHE A 201 -12.96 9.85 0.19
C PHE A 201 -11.46 10.05 0.41
N HIS A 202 -10.66 9.44 -0.45
CA HIS A 202 -9.23 9.69 -0.42
C HIS A 202 -8.94 11.12 -0.86
N SER A 203 -8.03 11.78 -0.14
CA SER A 203 -7.67 13.16 -0.45
C SER A 203 -6.82 13.17 -1.72
N SER A 204 -7.44 13.58 -2.84
CA SER A 204 -6.75 13.71 -4.12
C SER A 204 -6.34 15.15 -4.38
N TYR A 205 -5.96 15.86 -3.33
CA TYR A 205 -5.64 17.27 -3.42
C TYR A 205 -4.50 17.60 -2.47
N ALA A 206 -3.84 18.72 -2.75
CA ALA A 206 -2.89 19.33 -1.82
C ALA A 206 -3.49 20.64 -1.31
N HIS A 207 -2.99 21.09 -0.16
CA HIS A 207 -3.52 22.30 0.46
C HIS A 207 -2.85 23.53 -0.13
N SER A 208 -3.66 24.54 -0.47
CA SER A 208 -3.15 25.81 -0.96
C SER A 208 -2.60 26.69 0.17
N GLN A 209 -2.82 26.31 1.41
CA GLN A 209 -2.34 27.06 2.56
C GLN A 209 -1.67 26.12 3.53
N SER A 210 -0.79 26.67 4.36
CA SER A 210 -0.18 25.94 5.45
C SER A 210 -0.95 26.21 6.73
N LEU A 211 -0.86 25.26 7.67
CA LEU A 211 -1.63 25.37 8.90
C LEU A 211 -1.25 26.62 9.68
N ASP A 212 0.04 26.96 9.70
CA ASP A 212 0.52 28.14 10.42
C ASP A 212 0.32 29.43 9.63
N ARG A 213 -0.42 29.41 8.53
CA ARG A 213 -0.61 30.58 7.68
C ARG A 213 -2.09 30.74 7.31
N LEU A 214 -2.98 30.57 8.29
CA LEU A 214 -4.42 30.69 8.06
C LEU A 214 -4.97 32.05 8.47
N MET A 215 -4.13 32.95 8.98
CA MET A 215 -4.60 34.24 9.45
C MET A 215 -4.75 35.22 8.28
N ASN A 216 -5.40 36.34 8.56
CA ASN A 216 -5.45 37.44 7.60
C ASN A 216 -4.13 38.18 7.64
N PRO A 217 -3.40 38.29 6.52
CA PRO A 217 -2.07 38.90 6.56
C PRO A 217 -2.10 40.42 6.68
N LEU A 218 -3.28 41.00 6.90
CA LEU A 218 -3.44 42.44 6.97
C LEU A 218 -3.83 42.95 8.35
N ILE A 219 -4.58 42.17 9.12
CA ILE A 219 -5.10 42.62 10.41
C ILE A 219 -4.24 42.04 11.52
N ASP A 220 -4.31 42.68 12.69
CA ASP A 220 -3.61 42.22 13.88
C ASP A 220 -4.55 41.39 14.75
N GLN A 221 -3.95 40.58 15.61
CA GLN A 221 -4.69 39.79 16.58
C GLN A 221 -4.97 40.63 17.83
N TYR A 222 -6.20 40.51 18.35
CA TYR A 222 -6.53 41.19 19.59
C TYR A 222 -5.93 40.50 20.80
N LEU A 223 -5.36 39.31 20.64
CA LEU A 223 -4.70 38.61 21.72
C LEU A 223 -3.24 39.05 21.82
N TYR A 224 -2.71 39.03 23.04
CA TYR A 224 -1.33 39.41 23.31
C TYR A 224 -0.48 38.18 23.57
N TYR A 225 0.81 38.31 23.25
CA TYR A 225 1.79 37.27 23.52
C TYR A 225 3.02 37.89 24.14
N LEU A 226 3.70 37.13 24.99
CA LEU A 226 4.92 37.59 25.66
C LEU A 226 6.02 37.69 24.63
N ALA A 227 6.35 38.92 24.22
CA ALA A 227 7.37 39.14 23.19
C ALA A 227 8.77 39.18 23.76
N ARG A 228 8.94 39.67 24.99
CA ARG A 228 10.25 39.77 25.61
C ARG A 228 10.13 39.52 27.10
N THR A 229 11.15 38.87 27.65
CA THR A 229 11.31 38.72 29.08
C THR A 229 12.33 39.68 29.67
N GLN A 230 13.30 40.10 28.87
CA GLN A 230 14.32 41.07 29.27
C GLN A 230 14.11 42.35 28.49
N SER A 231 13.96 43.46 29.19
CA SER A 231 13.80 44.75 28.52
C SER A 231 15.08 45.09 27.76
N THR A 232 14.91 45.68 26.58
CA THR A 232 16.05 46.07 25.79
C THR A 232 16.83 47.20 26.48
N THR A 233 18.00 47.50 25.93
CA THR A 233 18.86 48.57 26.46
C THR A 233 19.31 48.22 27.88
N GLY A 234 19.89 47.04 28.03
CA GLY A 234 20.40 46.57 29.29
C GLY A 234 19.75 45.27 29.73
N SER A 235 20.33 44.70 30.79
CA SER A 235 19.86 43.43 31.35
C SER A 235 18.87 43.72 32.48
N THR A 236 17.69 44.19 32.09
CA THR A 236 16.61 44.49 33.00
C THR A 236 15.42 43.58 32.72
N ARG A 237 14.78 43.12 33.79
CA ARG A 237 13.68 42.17 33.71
C ARG A 237 12.35 42.90 33.61
N GLU A 238 11.54 42.50 32.64
CA GLU A 238 10.20 43.05 32.47
C GLU A 238 9.45 42.18 31.47
N LEU A 239 8.15 42.04 31.71
CA LEU A 239 7.28 41.25 30.83
C LEU A 239 6.65 42.19 29.81
N GLN A 240 7.10 42.10 28.56
CA GLN A 240 6.55 42.88 27.47
C GLN A 240 5.58 42.02 26.68
N PHE A 241 4.39 42.54 26.44
CA PHE A 241 3.35 41.84 25.70
C PHE A 241 3.05 42.61 24.41
N HIS A 242 3.02 41.89 23.29
CA HIS A 242 2.76 42.47 21.99
C HIS A 242 1.59 41.78 21.33
N GLN A 243 0.86 42.52 20.51
CA GLN A 243 -0.17 41.95 19.65
C GLN A 243 0.47 41.47 18.37
N ALA A 244 0.37 40.18 18.09
CA ALA A 244 0.98 39.61 16.90
C ALA A 244 0.24 40.08 15.65
N GLY A 245 0.99 40.37 14.60
CA GLY A 245 0.42 40.85 13.37
C GLY A 245 1.06 40.20 12.15
N PRO A 246 0.92 40.84 10.99
CA PRO A 246 1.52 40.26 9.77
C PRO A 246 3.02 40.04 9.88
N ASN A 247 3.74 40.94 10.55
CA ASN A 247 5.18 40.82 10.66
C ASN A 247 5.62 39.85 11.75
N THR A 248 4.70 39.34 12.55
CA THR A 248 4.99 38.39 13.61
C THR A 248 4.07 37.18 13.51
N MET A 249 3.89 36.68 12.28
CA MET A 249 2.99 35.55 12.07
C MET A 249 3.41 34.33 12.87
N ALA A 250 4.71 34.18 13.14
CA ALA A 250 5.20 33.05 13.91
C ALA A 250 4.75 33.11 15.36
N GLU A 251 4.41 34.29 15.88
CA GLU A 251 4.03 34.46 17.27
C GLU A 251 2.52 34.59 17.44
N GLN A 252 1.74 34.27 16.42
CA GLN A 252 0.29 34.43 16.49
C GLN A 252 -0.35 33.23 17.17
N SER A 253 -1.46 33.49 17.86
CA SER A 253 -2.23 32.44 18.47
C SER A 253 -3.00 31.66 17.40
N LYS A 254 -2.95 30.34 17.48
CA LYS A 254 -3.54 29.47 16.47
C LYS A 254 -4.45 28.45 17.13
N ASN A 255 -5.28 27.82 16.31
CA ASN A 255 -6.28 26.86 16.79
C ASN A 255 -5.90 25.41 16.52
N TRP A 256 -4.89 25.15 15.69
CA TRP A 256 -4.62 23.81 15.22
C TRP A 256 -3.12 23.54 15.27
N LEU A 257 -2.78 22.25 15.32
CA LEU A 257 -1.40 21.80 15.41
C LEU A 257 -1.11 20.79 14.31
N PRO A 258 0.14 20.68 13.88
CA PRO A 258 0.48 19.65 12.88
C PRO A 258 0.34 18.24 13.44
N GLY A 259 0.11 17.30 12.54
CA GLY A 259 -0.16 15.93 12.91
C GLY A 259 0.94 15.28 13.72
N PRO A 260 0.71 14.06 14.18
CA PRO A 260 1.70 13.39 15.03
C PRO A 260 2.98 13.08 14.27
N CYS A 261 4.07 12.97 15.02
CA CYS A 261 5.41 12.79 14.47
C CYS A 261 6.06 11.55 15.05
N TYR A 262 6.80 10.85 14.18
CA TYR A 262 7.65 9.73 14.61
C TYR A 262 8.93 9.84 13.77
N ARG A 263 9.93 10.52 14.33
CA ARG A 263 11.05 11.01 13.54
C ARG A 263 11.84 9.87 12.90
N GLN A 264 12.39 10.16 11.72
CA GLN A 264 13.22 9.22 10.97
C GLN A 264 14.50 9.92 10.53
N GLN A 265 15.57 9.13 10.44
CA GLN A 265 16.85 9.66 9.98
C GLN A 265 16.76 10.09 8.51
N ARG A 266 17.55 11.09 8.16
CA ARG A 266 17.54 11.67 6.84
C ARG A 266 18.69 11.10 6.01
N LEU A 267 18.40 10.77 4.75
CA LEU A 267 19.41 10.33 3.80
C LEU A 267 19.36 11.23 2.58
N SER A 268 20.52 11.44 1.96
CA SER A 268 20.63 12.29 0.79
C SER A 268 20.76 11.42 -0.45
N LYS A 269 20.06 11.81 -1.52
CA LYS A 269 20.18 11.10 -2.79
C LYS A 269 21.58 11.23 -3.38
N ASN A 270 22.36 12.21 -2.93
CA ASN A 270 23.78 12.30 -3.26
C ASN A 270 24.54 11.49 -2.22
N ILE A 271 25.20 10.42 -2.67
CA ILE A 271 25.80 9.47 -1.73
C ILE A 271 26.92 10.13 -0.94
N ASP A 272 27.67 11.04 -1.56
CA ASP A 272 28.82 11.65 -0.88
C ASP A 272 28.41 12.46 0.33
N SER A 273 27.14 12.87 0.43
CA SER A 273 26.68 13.69 1.55
C SER A 273 26.22 12.86 2.74
N ASN A 274 26.24 11.53 2.64
CA ASN A 274 25.81 10.66 3.73
C ASN A 274 26.99 10.19 4.55
N ASN A 275 26.73 9.84 5.81
CA ASN A 275 27.77 9.34 6.68
C ASN A 275 28.34 8.02 6.15
N ASN A 276 29.66 7.86 6.28
CA ASN A 276 30.35 6.68 5.75
C ASN A 276 30.21 5.55 6.77
N SER A 277 29.02 4.97 6.82
CA SER A 277 28.76 3.82 7.68
C SER A 277 27.53 3.10 7.17
N ASN A 278 27.36 1.87 7.63
CA ASN A 278 26.19 1.05 7.27
C ASN A 278 25.19 1.18 8.42
N PHE A 279 24.32 2.17 8.32
CA PHE A 279 23.31 2.43 9.34
C PHE A 279 21.89 2.22 8.81
N ALA A 280 21.74 1.44 7.74
CA ALA A 280 20.41 1.18 7.19
C ALA A 280 19.50 0.53 8.23
N TRP A 281 20.07 -0.21 9.18
CA TRP A 281 19.32 -0.86 10.24
C TRP A 281 19.52 -0.21 11.60
N THR A 282 20.76 0.08 11.98
CA THR A 282 21.01 0.65 13.30
C THR A 282 20.38 2.03 13.43
N GLY A 283 20.46 2.84 12.38
CA GLY A 283 19.91 4.18 12.38
C GLY A 283 18.47 4.29 11.93
N ALA A 284 17.79 3.17 11.72
CA ALA A 284 16.43 3.18 11.22
C ALA A 284 15.43 3.31 12.37
N THR A 285 14.26 3.88 12.04
CA THR A 285 13.20 4.05 13.02
C THR A 285 12.37 2.78 13.08
N LYS A 286 12.27 2.18 14.26
CA LYS A 286 11.63 0.89 14.46
C LYS A 286 10.65 0.98 15.62
N TYR A 287 9.87 -0.10 15.78
CA TYR A 287 9.01 -0.29 16.92
C TYR A 287 9.29 -1.66 17.53
N HIS A 288 9.00 -1.76 18.82
CA HIS A 288 9.28 -2.96 19.62
C HIS A 288 7.97 -3.70 19.87
N LEU A 289 7.98 -5.00 19.58
CA LEU A 289 6.80 -5.85 19.75
C LEU A 289 7.26 -7.24 20.12
N ASN A 290 6.92 -7.67 21.34
CA ASN A 290 7.23 -9.01 21.81
C ASN A 290 8.73 -9.30 21.70
N GLY A 291 9.54 -8.29 22.03
CA GLY A 291 10.98 -8.45 21.96
C GLY A 291 11.54 -8.48 20.55
N ARG A 292 10.79 -7.97 19.58
CA ARG A 292 11.22 -7.94 18.18
C ARG A 292 11.21 -6.49 17.70
N ASN A 293 12.24 -6.10 16.97
CA ASN A 293 12.32 -4.76 16.40
C ASN A 293 11.89 -4.83 14.94
N SER A 294 10.87 -4.05 14.59
CA SER A 294 10.31 -4.06 13.24
C SER A 294 10.34 -2.64 12.69
N LEU A 295 10.78 -2.50 11.44
CA LEU A 295 10.87 -1.18 10.84
C LEU A 295 9.51 -0.51 10.77
N THR A 296 9.49 0.80 11.01
CA THR A 296 8.28 1.61 10.86
C THR A 296 8.26 2.12 9.42
N ASN A 297 8.04 1.18 8.50
CA ASN A 297 8.16 1.45 7.07
C ASN A 297 6.82 1.26 6.37
N PRO A 298 6.22 2.31 5.78
CA PRO A 298 6.68 3.69 5.67
C PRO A 298 6.36 4.50 6.92
N GLY A 299 5.55 3.95 7.83
CA GLY A 299 5.26 4.62 9.07
C GLY A 299 4.23 5.72 8.93
N VAL A 300 4.15 6.53 10.00
CA VAL A 300 3.19 7.63 10.03
C VAL A 300 3.43 8.55 8.84
N ALA A 301 2.34 9.04 8.26
CA ALA A 301 2.44 9.91 7.10
C ALA A 301 3.08 11.23 7.48
N MET A 302 4.20 11.54 6.83
CA MET A 302 4.92 12.78 7.09
C MET A 302 5.52 13.28 5.78
N ALA A 303 5.73 14.59 5.70
CA ALA A 303 6.31 15.17 4.51
C ALA A 303 7.72 14.61 4.28
N THR A 304 7.99 14.21 3.05
CA THR A 304 9.29 13.62 2.74
C THR A 304 10.43 14.58 3.03
N ASN A 305 10.21 15.87 2.79
CA ASN A 305 11.24 16.88 3.04
C ASN A 305 10.54 18.24 3.13
N LYS A 306 11.33 19.28 3.37
CA LYS A 306 10.85 20.64 3.41
C LYS A 306 11.19 21.33 2.09
N ASP A 307 10.92 22.63 2.01
CA ASP A 307 11.14 23.37 0.78
C ASP A 307 12.60 23.30 0.36
N ASP A 308 12.82 23.06 -0.94
CA ASP A 308 14.16 23.08 -1.53
C ASP A 308 15.05 21.99 -0.96
N GLU A 309 14.48 20.83 -0.63
CA GLU A 309 15.23 19.69 -0.12
C GLU A 309 14.73 18.40 -0.75
N ASP A 310 14.48 18.43 -2.05
CA ASP A 310 13.95 17.26 -2.74
C ASP A 310 14.93 16.09 -2.74
N GLN A 311 16.22 16.34 -2.54
CA GLN A 311 17.23 15.29 -2.56
C GLN A 311 17.42 14.64 -1.20
N PHE A 312 16.59 14.97 -0.21
CA PHE A 312 16.59 14.31 1.09
C PHE A 312 15.32 13.47 1.23
N PHE A 313 15.46 12.29 1.82
CA PHE A 313 14.33 11.42 2.09
C PHE A 313 14.52 10.75 3.43
N PRO A 314 13.43 10.34 4.09
CA PRO A 314 13.57 9.61 5.35
C PRO A 314 14.17 8.23 5.13
N ILE A 315 14.83 7.73 6.17
CA ILE A 315 15.56 6.47 6.06
C ILE A 315 14.64 5.35 5.57
N ASN A 316 13.44 5.26 6.15
CA ASN A 316 12.45 4.30 5.68
C ASN A 316 11.03 4.86 5.68
N GLY A 317 10.85 6.16 5.49
CA GLY A 317 9.52 6.77 5.57
C GLY A 317 8.90 7.06 4.23
N VAL A 318 9.38 6.42 3.17
CA VAL A 318 8.86 6.64 1.82
C VAL A 318 8.66 5.31 1.13
N LEU A 319 7.55 5.17 0.42
CA LEU A 319 7.34 4.01 -0.43
C LEU A 319 8.30 4.06 -1.61
N VAL A 320 8.98 2.95 -1.86
CA VAL A 320 9.96 2.84 -2.93
C VAL A 320 9.53 1.72 -3.86
N PHE A 321 9.19 2.07 -5.10
CA PHE A 321 8.85 1.09 -6.11
C PHE A 321 10.08 0.74 -6.92
N GLY A 322 10.00 -0.37 -7.65
CA GLY A 322 11.08 -0.80 -8.53
C GLY A 322 10.78 -0.43 -9.97
N LYS A 323 11.84 -0.02 -10.68
CA LYS A 323 11.71 0.22 -12.11
C LYS A 323 11.52 -1.10 -12.85
N THR A 324 10.96 -1.01 -14.06
CA THR A 324 10.72 -2.21 -14.85
C THR A 324 12.03 -2.96 -15.09
N GLY A 325 12.02 -4.25 -14.82
CA GLY A 325 13.21 -5.07 -14.92
C GLY A 325 14.16 -4.96 -13.76
N ALA A 326 13.82 -4.17 -12.75
CA ALA A 326 14.70 -4.02 -11.59
C ALA A 326 14.76 -5.32 -10.79
N ALA A 327 15.95 -5.63 -10.27
CA ALA A 327 16.12 -6.82 -9.46
C ALA A 327 15.59 -6.57 -8.04
N ASN A 328 15.54 -7.65 -7.25
CA ASN A 328 15.12 -7.52 -5.87
C ASN A 328 16.18 -6.81 -5.02
N LYS A 329 17.39 -6.64 -5.55
CA LYS A 329 18.43 -5.86 -4.90
C LYS A 329 19.06 -4.95 -5.95
N THR A 330 18.85 -3.65 -5.83
CA THR A 330 19.37 -2.68 -6.78
C THR A 330 19.82 -1.44 -6.02
N THR A 331 20.28 -0.44 -6.77
CA THR A 331 20.72 0.82 -6.20
C THR A 331 19.65 1.89 -6.41
N LEU A 332 19.98 3.12 -6.04
CA LEU A 332 19.00 4.20 -6.10
C LEU A 332 18.55 4.46 -7.53
N GLU A 333 19.47 4.37 -8.49
CA GLU A 333 19.13 4.70 -9.86
C GLU A 333 18.06 3.78 -10.45
N ASN A 334 17.89 2.58 -9.88
CA ASN A 334 16.96 1.59 -10.43
C ASN A 334 15.64 1.53 -9.67
N VAL A 335 15.40 2.47 -8.76
CA VAL A 335 14.17 2.49 -7.98
C VAL A 335 13.51 3.85 -8.14
N LEU A 336 12.19 3.88 -7.96
CA LEU A 336 11.39 5.10 -8.03
C LEU A 336 10.91 5.44 -6.63
N MET A 337 11.15 6.67 -6.22
CA MET A 337 10.83 7.11 -4.87
C MET A 337 9.61 8.02 -4.90
N THR A 338 8.63 7.73 -4.05
CA THR A 338 7.50 8.61 -3.86
C THR A 338 7.91 9.77 -2.95
N SER A 339 7.25 10.91 -3.15
CA SER A 339 7.47 12.09 -2.34
C SER A 339 6.14 12.56 -1.77
N GLU A 340 6.07 12.68 -0.44
CA GLU A 340 4.90 13.20 0.24
C GLU A 340 5.06 14.68 0.59
N GLU A 341 5.76 15.43 -0.26
CA GLU A 341 5.99 16.85 0.01
C GLU A 341 4.71 17.67 -0.06
N GLU A 342 3.64 17.12 -0.66
CA GLU A 342 2.39 17.86 -0.76
C GLU A 342 1.73 18.07 0.59
N ILE A 343 2.11 17.29 1.61
CA ILE A 343 1.49 17.36 2.92
C ILE A 343 2.35 18.16 3.90
N LYS A 344 3.30 18.95 3.41
CA LYS A 344 4.03 19.86 4.28
C LYS A 344 3.09 20.86 4.95
N THR A 345 1.94 21.12 4.35
CA THR A 345 1.03 22.15 4.87
C THR A 345 0.51 21.80 6.25
N THR A 346 0.29 20.52 6.54
CA THR A 346 -0.26 20.09 7.81
C THR A 346 0.54 19.02 8.53
N ASN A 347 1.39 18.27 7.82
CA ASN A 347 2.12 17.19 8.47
C ASN A 347 3.56 17.61 8.77
N PRO A 348 4.13 17.18 9.89
CA PRO A 348 5.55 17.46 10.15
C PRO A 348 6.43 16.76 9.13
N VAL A 349 7.61 17.35 8.88
CA VAL A 349 8.58 16.74 7.99
C VAL A 349 9.11 15.47 8.63
N ALA A 350 9.20 14.40 7.84
CA ALA A 350 9.56 13.09 8.39
C ALA A 350 10.92 13.11 9.07
N THR A 351 11.85 13.95 8.59
CA THR A 351 13.21 13.95 9.08
C THR A 351 13.47 15.00 10.15
N GLU A 352 12.52 15.86 10.45
CA GLU A 352 12.69 16.91 11.43
C GLU A 352 11.90 16.60 12.69
N GLU A 353 12.18 17.37 13.74
CA GLU A 353 11.46 17.22 14.99
C GLU A 353 10.07 17.84 14.91
N TYR A 354 9.21 17.44 15.84
CA TYR A 354 7.88 18.04 15.93
C TYR A 354 7.96 19.45 16.52
N GLY A 355 8.78 19.64 17.54
CA GLY A 355 8.90 20.94 18.16
C GLY A 355 9.79 20.87 19.38
N VAL A 356 9.66 21.88 20.24
CA VAL A 356 10.43 21.97 21.48
C VAL A 356 9.48 22.29 22.62
N VAL A 357 9.72 21.66 23.76
CA VAL A 357 8.90 21.87 24.95
C VAL A 357 9.82 22.22 26.12
N SER A 358 9.29 22.98 27.07
CA SER A 358 10.05 23.30 28.27
C SER A 358 10.31 22.04 29.08
N SER A 359 11.54 21.89 29.56
CA SER A 359 11.96 20.70 30.29
C SER A 359 12.25 20.99 31.76
N ASN A 360 11.96 22.20 32.24
CA ASN A 360 12.25 22.56 33.62
C ASN A 360 11.45 23.82 33.96
N LEU A 361 11.65 24.31 35.18
CA LEU A 361 11.06 25.55 35.65
C LEU A 361 12.17 26.57 35.83
N GLN A 362 12.12 27.64 35.03
CA GLN A 362 13.15 28.67 35.12
C GLN A 362 12.95 29.51 36.38
N SER A 363 14.00 30.23 36.74
CA SER A 363 13.97 31.12 37.89
C SER A 363 15.09 32.15 37.72
N SER A 364 15.22 33.03 38.70
CA SER A 364 16.28 34.04 38.67
C SER A 364 17.66 33.39 38.63
N THR A 365 17.78 32.14 39.07
CA THR A 365 19.05 31.43 39.08
C THR A 365 19.13 30.32 38.05
N ALA A 366 18.01 29.72 37.67
CA ALA A 366 17.98 28.61 36.72
C ALA A 366 17.38 29.10 35.40
N GLY A 367 18.18 29.07 34.33
CA GLY A 367 17.73 29.50 33.04
C GLY A 367 16.81 28.48 32.38
N PRO A 368 15.98 28.94 31.45
CA PRO A 368 15.05 28.00 30.78
C PRO A 368 15.81 26.94 30.00
N GLN A 369 15.22 25.75 29.96
CA GLN A 369 15.77 24.62 29.23
C GLN A 369 14.70 23.99 28.36
N THR A 370 15.06 23.68 27.11
CA THR A 370 14.13 23.13 26.14
C THR A 370 14.55 21.71 25.77
N GLN A 371 13.57 20.94 25.30
CA GLN A 371 13.77 19.55 24.91
C GLN A 371 13.05 19.32 23.58
N THR A 372 13.74 18.67 22.66
CA THR A 372 13.23 18.44 21.32
C THR A 372 12.34 17.20 21.30
N VAL A 373 11.12 17.37 20.77
CA VAL A 373 10.15 16.29 20.71
C VAL A 373 10.36 15.55 19.39
N ASN A 374 11.02 14.40 19.47
CA ASN A 374 11.28 13.58 18.29
C ASN A 374 10.18 12.55 18.03
N SER A 375 9.20 12.45 18.91
CA SER A 375 8.07 11.55 18.70
C SER A 375 6.90 12.08 19.51
N GLN A 376 5.90 12.62 18.81
CA GLN A 376 4.73 13.22 19.44
C GLN A 376 3.49 12.45 19.02
N GLY A 377 2.71 12.00 20.00
CA GLY A 377 1.46 11.33 19.73
C GLY A 377 0.33 12.32 19.50
N ALA A 378 -0.87 11.76 19.34
CA ALA A 378 -2.05 12.58 19.05
C ALA A 378 -2.26 13.62 20.14
N LEU A 379 -2.51 14.85 19.72
CA LEU A 379 -2.84 15.94 20.62
C LEU A 379 -4.16 16.57 20.18
N PRO A 380 -4.94 17.12 21.12
CA PRO A 380 -6.14 17.85 20.71
C PRO A 380 -5.77 19.04 19.83
N GLY A 381 -6.58 19.27 18.80
CA GLY A 381 -6.30 20.30 17.83
C GLY A 381 -5.40 19.88 16.69
N MET A 382 -5.00 18.62 16.64
CA MET A 382 -4.13 18.14 15.56
C MET A 382 -4.93 17.92 14.28
N VAL A 383 -4.31 18.25 13.16
CA VAL A 383 -4.86 17.95 11.84
C VAL A 383 -3.73 17.42 10.98
N TRP A 384 -4.07 16.51 10.06
CA TRP A 384 -3.06 15.87 9.24
C TRP A 384 -3.72 15.27 8.00
N GLN A 385 -2.88 14.91 7.04
CA GLN A 385 -3.29 14.21 5.83
C GLN A 385 -2.68 12.82 5.82
N ASN A 386 -3.36 11.89 5.16
CA ASN A 386 -2.85 10.53 5.05
C ASN A 386 -1.81 10.45 3.93
N ARG A 387 -1.15 9.30 3.85
CA ARG A 387 -0.21 9.06 2.76
C ARG A 387 -0.96 9.03 1.43
N ASP A 388 -0.34 9.60 0.40
CA ASP A 388 -0.95 9.61 -0.91
C ASP A 388 -0.98 8.22 -1.51
N VAL A 389 -2.03 7.93 -2.25
CA VAL A 389 -2.12 6.67 -2.98
C VAL A 389 -1.47 6.84 -4.35
N TYR A 390 -1.02 5.73 -4.92
CA TYR A 390 -0.27 5.76 -6.16
C TYR A 390 -0.82 4.70 -7.12
N LEU A 391 -0.69 4.98 -8.40
CA LEU A 391 -1.23 4.07 -9.42
C LEU A 391 -0.69 2.67 -9.25
N GLN A 392 0.59 2.55 -8.90
CA GLN A 392 1.22 1.26 -8.65
C GLN A 392 1.20 0.86 -7.19
N GLY A 393 0.53 1.63 -6.33
CA GLY A 393 0.47 1.35 -4.92
C GLY A 393 -0.78 0.59 -4.52
N PRO A 394 -0.90 0.25 -3.24
CA PRO A 394 -2.06 -0.52 -2.78
C PRO A 394 -3.34 0.31 -2.78
N ILE A 395 -4.46 -0.39 -2.79
CA ILE A 395 -5.78 0.23 -2.74
C ILE A 395 -6.37 0.17 -1.33
N TRP A 396 -6.43 -1.02 -0.75
CA TRP A 396 -7.08 -1.20 0.54
C TRP A 396 -6.22 -2.09 1.43
N ALA A 397 -6.41 -1.94 2.74
CA ALA A 397 -5.81 -2.82 3.73
C ALA A 397 -6.86 -3.16 4.77
N LYS A 398 -6.85 -4.41 5.22
CA LYS A 398 -7.78 -4.83 6.26
C LYS A 398 -7.42 -4.19 7.59
N ILE A 399 -8.41 -3.58 8.24
CA ILE A 399 -8.19 -3.05 9.59
C ILE A 399 -8.11 -4.22 10.56
N PRO A 400 -7.05 -4.33 11.36
CA PRO A 400 -7.00 -5.44 12.33
C PRO A 400 -8.19 -5.41 13.27
N HIS A 401 -8.75 -6.59 13.53
CA HIS A 401 -9.89 -6.73 14.43
C HIS A 401 -9.37 -6.65 15.85
N THR A 402 -9.45 -5.46 16.45
CA THR A 402 -8.91 -5.22 17.78
C THR A 402 -9.90 -4.36 18.56
N ASP A 403 -9.66 -4.27 19.87
CA ASP A 403 -10.54 -3.49 20.73
C ASP A 403 -10.53 -2.00 20.34
N GLY A 404 -9.36 -1.47 20.02
CA GLY A 404 -9.23 -0.06 19.71
C GLY A 404 -8.24 0.19 18.59
N ASN A 405 -8.47 1.29 17.89
CA ASN A 405 -7.54 1.77 16.87
C ASN A 405 -7.67 3.28 16.79
N PHE A 406 -6.62 3.93 16.29
CA PHE A 406 -6.59 5.38 16.14
C PHE A 406 -6.46 5.71 14.66
N HIS A 407 -7.51 6.33 14.10
CA HIS A 407 -7.50 6.74 12.70
C HIS A 407 -7.09 5.56 11.82
N PRO A 408 -7.93 4.55 11.70
CA PRO A 408 -7.51 3.31 11.02
C PRO A 408 -7.32 3.49 9.52
N SER A 409 -6.39 4.36 9.13
CA SER A 409 -6.01 4.52 7.74
C SER A 409 -4.71 3.79 7.48
N PRO A 410 -4.62 2.92 6.47
CA PRO A 410 -3.39 2.16 6.26
C PRO A 410 -2.19 3.09 6.10
N LEU A 411 -1.08 2.71 6.73
CA LEU A 411 0.11 3.56 6.69
C LEU A 411 0.76 3.52 5.32
N MET A 412 0.73 2.37 4.65
CA MET A 412 1.23 2.30 3.28
C MET A 412 0.39 3.13 2.32
N GLY A 413 -0.81 3.54 2.72
CA GLY A 413 -1.67 4.33 1.87
C GLY A 413 -2.80 3.52 1.28
N GLY A 414 -4.01 4.04 1.35
CA GLY A 414 -5.17 3.37 0.80
C GLY A 414 -6.35 3.51 1.74
N PHE A 415 -7.34 2.65 1.53
CA PHE A 415 -8.57 2.66 2.32
C PHE A 415 -8.52 1.55 3.36
N GLY A 416 -8.84 1.89 4.60
CA GLY A 416 -8.94 0.89 5.65
C GLY A 416 -10.36 0.36 5.74
N LEU A 417 -10.51 -0.96 5.62
CA LEU A 417 -11.82 -1.60 5.59
C LEU A 417 -11.89 -2.65 6.68
N LYS A 418 -12.96 -2.61 7.49
CA LYS A 418 -13.21 -3.67 8.45
C LYS A 418 -13.59 -4.96 7.74
N HIS A 419 -14.29 -4.86 6.61
CA HIS A 419 -14.66 -6.01 5.79
C HIS A 419 -14.22 -5.72 4.36
N PRO A 420 -12.93 -5.85 4.08
CA PRO A 420 -12.44 -5.56 2.72
C PRO A 420 -12.88 -6.62 1.74
N PRO A 421 -12.54 -6.48 0.46
CA PRO A 421 -12.88 -7.52 -0.51
C PRO A 421 -12.29 -8.85 -0.08
N PRO A 422 -13.10 -9.91 0.01
CA PRO A 422 -12.60 -11.17 0.56
C PRO A 422 -11.55 -11.81 -0.34
N GLN A 423 -10.65 -12.54 0.29
CA GLN A 423 -9.65 -13.30 -0.46
C GLN A 423 -10.33 -14.39 -1.28
N ILE A 424 -9.88 -14.56 -2.52
CA ILE A 424 -10.41 -15.56 -3.43
C ILE A 424 -9.32 -16.61 -3.59
N LEU A 425 -9.51 -17.77 -2.95
CA LEU A 425 -8.55 -18.85 -3.01
C LEU A 425 -8.90 -19.79 -4.16
N ILE A 426 -7.88 -20.19 -4.90
CA ILE A 426 -8.02 -21.05 -6.07
C ILE A 426 -6.98 -22.16 -5.97
N LYS A 427 -7.38 -23.37 -6.36
CA LYS A 427 -6.50 -24.52 -6.29
C LYS A 427 -6.86 -25.49 -7.40
N ASN A 428 -5.90 -26.29 -7.83
CA ASN A 428 -6.13 -27.36 -8.79
C ASN A 428 -6.49 -28.62 -8.03
N THR A 429 -7.65 -29.18 -8.34
CA THR A 429 -8.10 -30.38 -7.65
C THR A 429 -7.11 -31.51 -7.90
N PRO A 430 -6.62 -32.20 -6.87
CA PRO A 430 -5.67 -33.30 -7.10
C PRO A 430 -6.29 -34.37 -7.98
N VAL A 431 -5.48 -34.89 -8.89
CA VAL A 431 -5.86 -35.99 -9.77
C VAL A 431 -4.87 -37.13 -9.56
N PRO A 432 -5.21 -38.12 -8.74
CA PRO A 432 -4.26 -39.20 -8.45
C PRO A 432 -3.82 -39.94 -9.71
N ALA A 433 -2.57 -40.38 -9.70
CA ALA A 433 -2.07 -41.29 -10.73
C ALA A 433 -2.67 -42.68 -10.48
N ASN A 434 -2.26 -43.66 -11.26
CA ASN A 434 -2.83 -44.99 -11.13
C ASN A 434 -2.51 -45.56 -9.75
N PRO A 435 -3.51 -45.98 -8.97
CA PRO A 435 -3.23 -46.54 -7.64
C PRO A 435 -2.68 -47.95 -7.74
N PRO A 436 -2.06 -48.46 -6.68
CA PRO A 436 -1.67 -49.87 -6.67
C PRO A 436 -2.89 -50.78 -6.72
N GLU A 437 -2.70 -51.94 -7.34
CA GLU A 437 -3.81 -52.88 -7.49
C GLU A 437 -4.21 -53.53 -6.18
N VAL A 438 -3.33 -53.53 -5.18
CA VAL A 438 -3.60 -54.11 -3.87
C VAL A 438 -3.65 -52.97 -2.87
N PHE A 439 -4.68 -52.96 -2.03
CA PHE A 439 -4.92 -51.84 -1.13
C PHE A 439 -3.74 -51.62 -0.21
N THR A 440 -3.40 -50.35 0.00
CA THR A 440 -2.41 -49.94 0.98
C THR A 440 -2.96 -48.71 1.69
N PRO A 441 -2.71 -48.57 3.00
CA PRO A 441 -3.21 -47.40 3.73
C PRO A 441 -2.28 -46.18 3.70
N ALA A 442 -1.11 -46.29 3.09
CA ALA A 442 -0.16 -45.19 3.08
C ALA A 442 -0.77 -43.99 2.35
N LYS A 443 -0.31 -42.80 2.76
CA LYS A 443 -0.81 -41.57 2.16
C LYS A 443 -0.55 -41.58 0.66
N PHE A 444 -1.57 -41.18 -0.11
CA PHE A 444 -1.45 -41.13 -1.55
C PHE A 444 -0.55 -39.97 -1.95
N ALA A 445 0.54 -40.27 -2.66
CA ALA A 445 1.51 -39.26 -3.06
C ALA A 445 1.85 -39.35 -4.54
N SER A 446 1.03 -40.02 -5.34
CA SER A 446 1.23 -40.13 -6.78
C SER A 446 0.11 -39.34 -7.46
N PHE A 447 0.49 -38.23 -8.09
CA PHE A 447 -0.47 -37.33 -8.72
C PHE A 447 -0.03 -37.02 -10.14
N ILE A 448 -1.01 -36.86 -11.02
CA ILE A 448 -0.75 -36.45 -12.40
C ILE A 448 -0.48 -34.96 -12.40
N THR A 449 0.71 -34.57 -12.87
CA THR A 449 1.08 -33.16 -12.89
C THR A 449 0.08 -32.38 -13.72
N GLN A 450 -0.43 -31.29 -13.16
CA GLN A 450 -1.44 -30.47 -13.82
C GLN A 450 -1.21 -29.01 -13.50
N TYR A 451 -1.70 -28.15 -14.40
CA TYR A 451 -1.82 -26.73 -14.13
C TYR A 451 -3.12 -26.23 -14.75
N SER A 452 -3.41 -24.96 -14.53
CA SER A 452 -4.66 -24.38 -15.01
C SER A 452 -4.40 -23.02 -15.62
N THR A 453 -5.27 -22.63 -16.55
CA THR A 453 -5.27 -21.30 -17.12
C THR A 453 -6.71 -20.81 -17.17
N GLY A 454 -6.86 -19.49 -17.27
CA GLY A 454 -8.21 -18.95 -17.35
C GLY A 454 -8.18 -17.45 -17.49
N GLN A 455 -9.37 -16.86 -17.46
CA GLN A 455 -9.54 -15.41 -17.50
C GLN A 455 -10.22 -14.95 -16.22
N VAL A 456 -9.71 -13.86 -15.67
CA VAL A 456 -10.26 -13.27 -14.46
C VAL A 456 -10.61 -11.81 -14.77
N SER A 457 -11.84 -11.43 -14.46
CA SER A 457 -12.32 -10.07 -14.68
C SER A 457 -12.72 -9.47 -13.35
N VAL A 458 -12.24 -8.26 -13.09
CA VAL A 458 -12.55 -7.51 -11.87
C VAL A 458 -13.15 -6.18 -12.29
N GLU A 459 -14.34 -5.90 -11.77
CA GLU A 459 -15.06 -4.66 -12.04
C GLU A 459 -15.22 -3.91 -10.73
N ILE A 460 -14.68 -2.69 -10.66
CA ILE A 460 -14.82 -1.85 -9.49
C ILE A 460 -15.54 -0.57 -9.89
N GLU A 461 -16.58 -0.24 -9.16
CA GLU A 461 -17.29 1.02 -9.29
C GLU A 461 -16.83 1.95 -8.18
N TRP A 462 -16.24 3.09 -8.56
CA TRP A 462 -15.73 4.08 -7.64
C TRP A 462 -16.59 5.34 -7.71
N GLU A 463 -16.85 5.93 -6.55
CA GLU A 463 -17.57 7.20 -6.47
C GLU A 463 -16.57 8.34 -6.53
N LEU A 464 -16.83 9.31 -7.39
CA LEU A 464 -15.95 10.46 -7.57
C LEU A 464 -16.46 11.65 -6.77
N GLN A 465 -15.53 12.38 -6.16
CA GLN A 465 -15.82 13.64 -5.49
C GLN A 465 -15.32 14.77 -6.38
N LYS A 466 -16.22 15.65 -6.80
CA LYS A 466 -15.93 16.62 -7.84
C LYS A 466 -15.26 17.87 -7.25
N GLU A 467 -14.26 18.37 -7.96
CA GLU A 467 -13.63 19.62 -7.58
C GLU A 467 -14.59 20.79 -7.79
N ASN A 468 -14.59 21.71 -6.83
CA ASN A 468 -15.48 22.88 -6.85
C ASN A 468 -14.71 24.13 -6.48
N SER A 469 -13.48 24.24 -6.98
CA SER A 469 -12.60 25.35 -6.62
C SER A 469 -12.99 26.63 -7.36
N LYS A 470 -12.81 27.76 -6.66
CA LYS A 470 -12.89 29.07 -7.28
C LYS A 470 -11.52 29.64 -7.59
N ARG A 471 -10.48 28.82 -7.55
CA ARG A 471 -9.14 29.25 -7.91
C ARG A 471 -9.14 29.87 -9.30
N TRP A 472 -8.50 31.03 -9.42
CA TRP A 472 -8.47 31.75 -10.69
C TRP A 472 -7.32 31.29 -11.58
N ASN A 473 -6.12 31.20 -11.02
CA ASN A 473 -4.97 30.79 -11.80
C ASN A 473 -5.05 29.30 -12.13
N PRO A 474 -4.39 28.87 -13.20
CA PRO A 474 -4.43 27.45 -13.56
C PRO A 474 -3.82 26.58 -12.49
N GLU A 475 -4.34 25.35 -12.40
CA GLU A 475 -3.89 24.37 -11.42
C GLU A 475 -2.71 23.57 -11.97
N ILE A 476 -2.00 22.93 -11.05
CA ILE A 476 -0.97 21.95 -11.43
C ILE A 476 -1.68 20.66 -11.80
N GLN A 477 -1.37 20.15 -12.99
CA GLN A 477 -1.95 18.90 -13.49
C GLN A 477 -0.83 17.92 -13.80
N TYR A 478 -1.12 16.64 -13.63
CA TYR A 478 -0.20 15.63 -14.13
C TYR A 478 -0.24 15.61 -15.66
N THR A 479 0.94 15.55 -16.26
CA THR A 479 1.03 15.55 -17.71
C THR A 479 2.26 14.75 -18.12
N SER A 480 2.22 14.25 -19.35
CA SER A 480 3.35 13.54 -19.92
C SER A 480 4.27 14.54 -20.62
N ASN A 481 5.56 14.24 -20.61
CA ASN A 481 6.53 15.12 -21.26
C ASN A 481 6.28 15.16 -22.76
N TYR A 482 6.35 16.36 -23.32
CA TYR A 482 6.15 16.55 -24.75
C TYR A 482 7.44 16.45 -25.55
N ALA A 483 8.58 16.28 -24.88
CA ALA A 483 9.85 16.18 -25.57
C ALA A 483 9.99 14.83 -26.25
N LYS A 484 10.81 14.80 -27.30
CA LYS A 484 11.08 13.57 -28.01
C LYS A 484 11.84 12.59 -27.12
N SER A 485 11.59 11.30 -27.32
CA SER A 485 12.22 10.27 -26.51
C SER A 485 12.27 8.98 -27.31
N ASN A 486 13.11 8.06 -26.86
CA ASN A 486 13.26 6.78 -27.54
C ASN A 486 12.07 5.84 -27.29
N ASN A 487 11.32 6.07 -26.22
CA ASN A 487 10.19 5.21 -25.88
C ASN A 487 9.05 6.06 -25.36
N VAL A 488 7.83 5.75 -25.81
CA VAL A 488 6.65 6.44 -25.32
C VAL A 488 6.46 6.15 -23.85
N GLU A 489 6.14 7.18 -23.08
CA GLU A 489 5.89 7.00 -21.65
C GLU A 489 4.69 6.09 -21.44
N PHE A 490 4.84 5.12 -20.54
CA PHE A 490 3.78 4.18 -20.21
C PHE A 490 3.34 3.39 -21.45
N ALA A 491 4.31 2.73 -22.07
CA ALA A 491 4.06 1.88 -23.22
C ALA A 491 5.06 0.73 -23.19
N VAL A 492 5.10 -0.03 -24.27
CA VAL A 492 6.05 -1.13 -24.41
C VAL A 492 7.24 -0.62 -25.21
N ASN A 493 8.37 -1.33 -25.06
CA ASN A 493 9.59 -1.04 -25.80
C ASN A 493 9.71 -2.00 -26.98
N ASN A 494 10.85 -1.94 -27.66
CA ASN A 494 11.07 -2.78 -28.83
C ASN A 494 11.04 -4.26 -28.47
N GLU A 495 11.19 -4.57 -27.19
CA GLU A 495 11.12 -5.95 -26.72
C GLU A 495 9.75 -6.33 -26.20
N GLY A 496 8.77 -5.43 -26.26
CA GLY A 496 7.43 -5.75 -25.80
C GLY A 496 7.27 -5.77 -24.31
N VAL A 497 8.13 -5.08 -23.57
CA VAL A 497 8.07 -5.03 -22.11
C VAL A 497 7.38 -3.75 -21.70
N TYR A 498 6.31 -3.86 -20.93
CA TYR A 498 5.58 -2.70 -20.45
C TYR A 498 6.35 -2.04 -19.31
N THR A 499 6.37 -0.71 -19.31
CA THR A 499 7.16 0.06 -18.36
C THR A 499 6.32 1.14 -17.72
N GLU A 500 6.58 1.39 -16.43
CA GLU A 500 5.97 2.48 -15.68
C GLU A 500 7.10 3.38 -15.21
N PRO A 501 7.45 4.41 -15.99
CA PRO A 501 8.70 5.14 -15.71
C PRO A 501 8.76 5.78 -14.34
N ARG A 502 7.66 6.33 -13.84
CA ARG A 502 7.66 7.07 -12.59
C ARG A 502 6.38 6.80 -11.82
N PRO A 503 6.36 7.07 -10.52
CA PRO A 503 5.13 6.92 -9.75
C PRO A 503 4.26 8.15 -9.86
N ILE A 504 2.95 7.93 -9.92
CA ILE A 504 1.97 9.01 -10.03
C ILE A 504 1.10 9.00 -8.78
N GLY A 505 0.98 10.14 -8.13
CA GLY A 505 0.10 10.32 -7.01
C GLY A 505 -1.27 10.78 -7.44
N THR A 506 -1.99 11.39 -6.50
CA THR A 506 -3.32 11.92 -6.74
C THR A 506 -3.45 13.40 -6.42
N ARG A 507 -2.46 14.01 -5.78
CA ARG A 507 -2.59 15.34 -5.21
C ARG A 507 -1.99 16.36 -6.19
N TYR A 508 -2.80 16.72 -7.19
CA TYR A 508 -2.45 17.74 -8.16
C TYR A 508 -3.39 18.94 -8.12
N LEU A 509 -4.69 18.71 -7.97
CA LEU A 509 -5.59 19.80 -7.67
C LEU A 509 -5.36 20.26 -6.24
N THR A 510 -5.87 21.46 -5.93
CA THR A 510 -5.61 22.08 -4.63
C THR A 510 -6.92 22.45 -3.94
N ARG A 511 -6.88 22.45 -2.62
CA ARG A 511 -7.99 22.83 -1.78
C ARG A 511 -7.54 23.87 -0.78
N ASN A 512 -8.46 24.73 -0.36
CA ASN A 512 -8.18 25.67 0.71
C ASN A 512 -8.15 24.94 2.05
N LEU A 513 -7.15 25.25 2.86
CA LEU A 513 -7.01 24.61 4.16
C LEU A 513 -7.89 25.29 5.20
#